data_3TWD
#
_entry.id   3TWD
#
_cell.length_a   80.526
_cell.length_b   80.526
_cell.length_c   139.850
_cell.angle_alpha   90.000
_cell.angle_beta   90.000
_cell.angle_gamma   120.000
#
_symmetry.space_group_name_H-M   'P 63'
#
loop_
_entity.id
_entity.type
_entity.pdbx_description
1 polymer 'Bifunctional protein glmU'
2 non-polymer 'SULFATE ION'
3 non-polymer '4-({5-[(4-aminophenyl)(phenyl)sulfamoyl]-2,4-dimethoxyphenyl}amino)-4-oxobutanoic acid'
4 water water
#
_entity_poly.entity_id   1
_entity_poly.type   'polypeptide(L)'
_entity_poly.pdbx_seq_one_letter_code
;ASRLERVYQSEQAEKLLLAGVMLRDPARFDLRGTLTHGRDVEIDTNVIIEGNVTLGHRVKIGTGCVIKNSVIGDDCEISP
YTVVEDANLAAACTIGPFARLRPGAELLEGAHVGNFVEMKKARLGKGSKAGHLTYLGDAEIGDNVNIGAGTITCNYDGAN
KFKTIIGDDVFVGSDTQLVAPVTVGKGATIAAGTTVTRNVGENALAISRVPQTQKEGWRRPA
;
_entity_poly.pdbx_strand_id   A,B
#
# COMPACT_ATOMS: atom_id res chain seq x y z
N ALA A 1 19.41 -15.08 28.53
CA ALA A 1 19.31 -16.29 27.64
C ALA A 1 17.85 -16.60 27.27
N SER A 2 17.63 -17.82 26.79
CA SER A 2 16.29 -18.32 26.45
C SER A 2 15.27 -18.07 27.55
N ARG A 3 15.63 -18.50 28.75
CA ARG A 3 14.74 -18.45 29.89
C ARG A 3 14.44 -17.01 30.26
N LEU A 4 15.45 -16.14 30.24
CA LEU A 4 15.24 -14.71 30.59
C LEU A 4 14.27 -14.03 29.61
N GLU A 5 14.51 -14.23 28.31
CA GLU A 5 13.63 -13.67 27.28
C GLU A 5 12.20 -14.19 27.41
N ARG A 6 12.08 -15.46 27.80
CA ARG A 6 10.76 -16.08 28.02
C ARG A 6 10.02 -15.41 29.17
N VAL A 7 10.77 -15.07 30.23
CA VAL A 7 10.21 -14.30 31.33
C VAL A 7 9.71 -12.94 30.85
N TYR A 8 10.50 -12.29 29.99
CA TYR A 8 10.06 -11.02 29.44
C TYR A 8 8.77 -11.17 28.61
N GLN A 9 8.58 -12.31 27.97
CA GLN A 9 7.33 -12.56 27.23
C GLN A 9 6.14 -12.65 28.20
N SER A 10 6.37 -13.32 29.32
CA SER A 10 5.32 -13.47 30.32
C SER A 10 4.92 -12.08 30.79
N GLU A 11 5.90 -11.22 30.93
CA GLU A 11 5.65 -9.87 31.41
C GLU A 11 4.78 -9.11 30.45
N GLN A 12 5.08 -9.22 29.16
CA GLN A 12 4.33 -8.48 28.15
C GLN A 12 2.90 -8.97 28.06
N ALA A 13 2.74 -10.30 28.10
CA ALA A 13 1.40 -10.92 28.13
C ALA A 13 0.57 -10.44 29.32
N GLU A 14 1.17 -10.45 30.51
CA GLU A 14 0.48 -9.92 31.70
C GLU A 14 0.04 -8.48 31.53
N LYS A 15 0.93 -7.65 31.02
CA LYS A 15 0.61 -6.26 30.77
C LYS A 15 -0.50 -6.08 29.74
N LEU A 16 -0.52 -6.95 28.73
CA LEU A 16 -1.58 -6.88 27.72
C LEU A 16 -2.94 -7.21 28.33
N LEU A 17 -2.95 -8.24 29.17
CA LEU A 17 -4.15 -8.63 29.90
C LEU A 17 -4.64 -7.46 30.76
N LEU A 18 -3.75 -6.86 31.53
CA LEU A 18 -4.11 -5.68 32.34
C LEU A 18 -4.63 -4.50 31.47
N ALA A 19 -4.11 -4.36 30.26
CA ALA A 19 -4.56 -3.29 29.34
C ALA A 19 -5.84 -3.66 28.59
N GLY A 20 -6.43 -4.82 28.86
CA GLY A 20 -7.74 -5.17 28.33
C GLY A 20 -7.77 -6.04 27.10
N VAL A 21 -6.63 -6.58 26.69
CA VAL A 21 -6.59 -7.54 25.59
C VAL A 21 -6.98 -8.92 26.13
N MET A 22 -7.80 -9.66 25.39
CA MET A 22 -8.13 -11.05 25.76
C MET A 22 -7.14 -11.99 25.10
N LEU A 23 -6.21 -12.52 25.90
CA LEU A 23 -5.30 -13.57 25.48
C LEU A 23 -5.85 -14.88 25.97
N ARG A 24 -6.13 -15.80 25.06
CA ARG A 24 -6.63 -17.09 25.46
C ARG A 24 -5.66 -17.90 26.31
N ASP A 25 -4.37 -17.78 26.03
CA ASP A 25 -3.35 -18.38 26.89
C ASP A 25 -2.12 -17.47 26.93
N PRO A 26 -1.94 -16.73 28.05
CA PRO A 26 -0.76 -15.85 28.16
C PRO A 26 0.58 -16.58 28.09
N ALA A 27 0.57 -17.88 28.36
CA ALA A 27 1.77 -18.72 28.24
C ALA A 27 2.07 -19.10 26.79
N ARG A 28 1.10 -18.92 25.91
CA ARG A 28 1.29 -19.23 24.51
C ARG A 28 1.03 -17.97 23.71
N PHE A 29 1.83 -16.95 23.97
CA PHE A 29 1.78 -15.69 23.26
C PHE A 29 3.18 -15.11 23.20
N ASP A 30 3.53 -14.52 22.06
CA ASP A 30 4.85 -13.92 21.90
C ASP A 30 4.73 -12.55 21.25
N LEU A 31 5.44 -11.58 21.80
CA LEU A 31 5.51 -10.22 21.26
C LEU A 31 6.98 -9.87 21.15
N ARG A 32 7.44 -9.63 19.93
CA ARG A 32 8.84 -9.34 19.64
C ARG A 32 8.86 -7.99 18.94
N GLY A 33 8.63 -6.96 19.72
CA GLY A 33 8.52 -5.62 19.19
C GLY A 33 7.47 -4.90 19.98
N THR A 34 6.62 -4.16 19.31
CA THR A 34 5.64 -3.33 20.01
C THR A 34 4.26 -3.55 19.43
N LEU A 35 3.27 -3.60 20.32
CA LEU A 35 1.89 -3.82 19.94
C LEU A 35 1.01 -2.70 20.49
N THR A 36 0.34 -1.97 19.59
CA THR A 36 -0.70 -1.01 19.99
C THR A 36 -2.03 -1.63 19.65
N HIS A 37 -3.05 -1.42 20.48
CA HIS A 37 -4.34 -2.09 20.27
C HIS A 37 -5.49 -1.20 20.71
N GLY A 38 -6.65 -1.37 20.09
CA GLY A 38 -7.88 -0.79 20.64
C GLY A 38 -8.48 -1.67 21.72
N ARG A 39 -9.80 -1.58 21.85
CA ARG A 39 -10.57 -2.24 22.88
C ARG A 39 -11.13 -3.55 22.35
N ASP A 40 -11.41 -4.49 23.26
CA ASP A 40 -12.09 -5.76 22.91
C ASP A 40 -11.34 -6.58 21.88
N VAL A 41 -10.02 -6.51 21.90
CA VAL A 41 -9.18 -7.31 21.01
C VAL A 41 -9.04 -8.71 21.62
N GLU A 42 -9.20 -9.74 20.77
CA GLU A 42 -9.11 -11.15 21.20
C GLU A 42 -8.01 -11.85 20.45
N ILE A 43 -7.06 -12.46 21.18
CA ILE A 43 -5.91 -13.15 20.56
C ILE A 43 -5.86 -14.57 21.07
N ASP A 44 -5.95 -15.53 20.15
CA ASP A 44 -6.01 -16.92 20.52
C ASP A 44 -4.57 -17.47 20.79
N THR A 45 -4.46 -18.77 20.98
CA THR A 45 -3.18 -19.41 21.31
C THR A 45 -2.11 -19.31 20.19
N ASN A 46 -0.84 -19.32 20.60
CA ASN A 46 0.31 -19.47 19.71
C ASN A 46 0.45 -18.39 18.64
N VAL A 47 -0.04 -17.19 18.97
CA VAL A 47 0.15 -16.01 18.11
C VAL A 47 1.49 -15.35 18.39
N ILE A 48 2.14 -14.92 17.32
CA ILE A 48 3.42 -14.22 17.42
C ILE A 48 3.25 -12.89 16.73
N ILE A 49 3.54 -11.84 17.50
CA ILE A 49 3.53 -10.47 17.00
C ILE A 49 4.99 -10.02 16.91
N GLU A 50 5.38 -9.52 15.73
CA GLU A 50 6.77 -9.14 15.45
C GLU A 50 6.82 -7.73 14.92
N GLY A 51 7.91 -7.04 15.22
CA GLY A 51 8.09 -5.67 14.76
C GLY A 51 7.12 -4.72 15.40
N ASN A 52 6.64 -3.75 14.64
CA ASN A 52 5.72 -2.75 15.18
C ASN A 52 4.35 -2.95 14.59
N VAL A 53 3.39 -3.34 15.43
CA VAL A 53 2.07 -3.75 14.97
C VAL A 53 1.01 -2.92 15.67
N THR A 54 0.00 -2.50 14.93
CA THR A 54 -1.13 -1.79 15.51
C THR A 54 -2.46 -2.47 15.08
N LEU A 55 -3.32 -2.67 16.07
CA LEU A 55 -4.62 -3.31 15.88
C LEU A 55 -5.72 -2.35 16.32
N GLY A 56 -6.78 -2.27 15.54
CA GLY A 56 -7.94 -1.47 15.90
C GLY A 56 -8.78 -2.14 16.96
N HIS A 57 -10.02 -1.67 17.08
CA HIS A 57 -10.96 -2.23 18.04
C HIS A 57 -11.57 -3.52 17.53
N ARG A 58 -11.83 -4.44 18.46
CA ARG A 58 -12.58 -5.66 18.17
C ARG A 58 -11.92 -6.59 17.14
N VAL A 59 -10.63 -6.45 16.97
CA VAL A 59 -9.87 -7.37 16.13
C VAL A 59 -9.77 -8.73 16.79
N LYS A 60 -10.03 -9.79 16.02
CA LYS A 60 -9.94 -11.15 16.49
C LYS A 60 -8.86 -11.87 15.70
N ILE A 61 -7.92 -12.46 16.43
CA ILE A 61 -6.78 -13.20 15.82
C ILE A 61 -6.78 -14.62 16.29
N GLY A 62 -6.97 -15.54 15.32
CA GLY A 62 -7.14 -16.95 15.60
C GLY A 62 -5.81 -17.63 15.84
N THR A 63 -5.87 -18.91 16.16
CA THR A 63 -4.68 -19.62 16.64
C THR A 63 -3.57 -19.65 15.60
N GLY A 64 -2.33 -19.53 16.08
CA GLY A 64 -1.16 -19.75 15.26
C GLY A 64 -0.74 -18.66 14.29
N CYS A 65 -1.39 -17.50 14.33
CA CYS A 65 -1.07 -16.42 13.40
C CYS A 65 0.23 -15.72 13.73
N VAL A 66 0.90 -15.25 12.69
CA VAL A 66 2.14 -14.50 12.79
C VAL A 66 1.91 -13.17 12.10
N ILE A 67 2.02 -12.07 12.85
CA ILE A 67 1.71 -10.74 12.32
C ILE A 67 2.88 -9.82 12.57
N LYS A 68 3.51 -9.36 11.49
CA LYS A 68 4.74 -8.60 11.58
C LYS A 68 4.56 -7.28 10.87
N ASN A 69 4.88 -6.19 11.57
CA ASN A 69 4.93 -4.84 10.97
C ASN A 69 3.71 -4.46 10.16
N SER A 70 2.54 -4.71 10.72
CA SER A 70 1.30 -4.58 10.02
C SER A 70 0.30 -3.74 10.79
N VAL A 71 -0.65 -3.22 10.02
CA VAL A 71 -1.69 -2.32 10.52
C VAL A 71 -3.03 -3.00 10.27
N ILE A 72 -3.77 -3.30 11.32
CA ILE A 72 -5.01 -4.07 11.21
C ILE A 72 -6.19 -3.23 11.71
N GLY A 73 -7.12 -2.91 10.80
CA GLY A 73 -8.25 -2.02 11.11
C GLY A 73 -9.30 -2.62 12.06
N ASP A 74 -10.22 -1.79 12.51
CA ASP A 74 -11.28 -2.24 13.42
C ASP A 74 -12.03 -3.42 12.84
N ASP A 75 -12.45 -4.34 13.70
CA ASP A 75 -13.36 -5.41 13.36
C ASP A 75 -12.81 -6.46 12.41
N CYS A 76 -11.49 -6.43 12.15
CA CYS A 76 -10.88 -7.46 11.31
C CYS A 76 -10.87 -8.79 12.00
N GLU A 77 -11.05 -9.86 11.22
CA GLU A 77 -10.99 -11.22 11.72
C GLU A 77 -9.89 -11.98 10.96
N ILE A 78 -8.86 -12.38 11.69
CA ILE A 78 -7.73 -13.10 11.09
C ILE A 78 -7.87 -14.55 11.56
N SER A 79 -8.20 -15.44 10.63
CA SER A 79 -8.46 -16.84 10.96
C SER A 79 -7.15 -17.62 11.16
N PRO A 80 -7.24 -18.83 11.72
CA PRO A 80 -6.03 -19.59 12.10
C PRO A 80 -4.96 -19.77 11.04
N TYR A 81 -3.72 -19.83 11.50
CA TYR A 81 -2.55 -20.14 10.66
C TYR A 81 -2.46 -19.22 9.45
N THR A 82 -2.51 -17.93 9.74
CA THR A 82 -2.36 -16.89 8.75
C THR A 82 -1.09 -16.10 9.10
N VAL A 83 -0.27 -15.85 8.08
CA VAL A 83 0.98 -15.13 8.20
C VAL A 83 0.85 -13.79 7.48
N VAL A 84 1.14 -12.72 8.22
CA VAL A 84 0.93 -11.35 7.72
C VAL A 84 2.22 -10.55 7.96
N GLU A 85 2.79 -9.99 6.88
CA GLU A 85 4.03 -9.21 6.99
C GLU A 85 3.96 -7.91 6.20
N ASP A 86 4.16 -6.80 6.87
CA ASP A 86 4.16 -5.48 6.25
C ASP A 86 2.91 -5.24 5.42
N ALA A 87 1.75 -5.57 5.98
CA ALA A 87 0.48 -5.42 5.30
C ALA A 87 -0.41 -4.44 6.04
N ASN A 88 -1.41 -3.94 5.33
CA ASN A 88 -2.40 -3.04 5.90
C ASN A 88 -3.76 -3.62 5.59
N LEU A 89 -4.58 -3.79 6.62
CA LEU A 89 -5.97 -4.19 6.45
C LEU A 89 -6.84 -3.03 6.92
N ALA A 90 -7.76 -2.63 6.08
CA ALA A 90 -8.81 -1.68 6.45
C ALA A 90 -9.82 -2.36 7.38
N ALA A 91 -10.83 -1.62 7.84
CA ALA A 91 -11.85 -2.20 8.70
C ALA A 91 -12.55 -3.38 8.06
N ALA A 92 -12.97 -4.31 8.92
CA ALA A 92 -13.91 -5.36 8.56
C ALA A 92 -13.41 -6.34 7.50
N CYS A 93 -12.10 -6.48 7.36
CA CYS A 93 -11.53 -7.51 6.50
C CYS A 93 -11.54 -8.85 7.20
N THR A 94 -11.68 -9.90 6.41
CA THR A 94 -11.55 -11.27 6.90
C THR A 94 -10.51 -11.99 6.06
N ILE A 95 -9.49 -12.51 6.73
CA ILE A 95 -8.43 -13.26 6.04
C ILE A 95 -8.18 -14.63 6.69
N GLY A 96 -7.85 -15.62 5.86
CA GLY A 96 -7.46 -16.95 6.33
C GLY A 96 -8.67 -17.85 6.42
N PRO A 97 -8.48 -19.07 6.97
CA PRO A 97 -7.21 -19.58 7.47
C PRO A 97 -6.20 -19.90 6.37
N PHE A 98 -4.92 -20.07 6.73
CA PHE A 98 -3.89 -20.44 5.74
C PHE A 98 -3.74 -19.39 4.64
N ALA A 99 -3.90 -18.12 5.03
CA ALA A 99 -3.53 -17.01 4.12
C ALA A 99 -2.12 -16.50 4.41
N ARG A 100 -1.46 -16.00 3.37
CA ARG A 100 -0.08 -15.53 3.47
C ARG A 100 -0.01 -14.17 2.79
N LEU A 101 0.02 -13.13 3.61
CA LEU A 101 0.12 -11.75 3.11
C LEU A 101 1.59 -11.29 3.30
N ARG A 102 2.20 -10.94 2.17
CA ARG A 102 3.59 -10.50 2.14
C ARG A 102 3.64 -8.98 2.04
N PRO A 103 4.84 -8.39 2.19
CA PRO A 103 4.89 -6.96 2.17
C PRO A 103 4.23 -6.28 0.97
N GLY A 104 3.53 -5.20 1.24
CA GLY A 104 2.81 -4.46 0.20
C GLY A 104 1.38 -4.93 0.02
N ALA A 105 0.98 -5.98 0.74
CA ALA A 105 -0.41 -6.38 0.70
C ALA A 105 -1.25 -5.30 1.40
N GLU A 106 -2.26 -4.83 0.68
CA GLU A 106 -3.13 -3.73 1.12
C GLU A 106 -4.57 -4.17 0.81
N LEU A 107 -5.36 -4.33 1.87
CA LEU A 107 -6.76 -4.71 1.74
C LEU A 107 -7.65 -3.56 2.14
N LEU A 108 -8.63 -3.24 1.30
CA LEU A 108 -9.53 -2.14 1.58
C LEU A 108 -10.73 -2.70 2.31
N GLU A 109 -11.67 -1.84 2.67
CA GLU A 109 -12.68 -2.18 3.67
C GLU A 109 -13.52 -3.39 3.23
N GLY A 110 -13.66 -4.33 4.13
CA GLY A 110 -14.51 -5.50 3.89
C GLY A 110 -13.95 -6.52 2.92
N ALA A 111 -12.69 -6.39 2.50
CA ALA A 111 -12.04 -7.36 1.62
C ALA A 111 -11.92 -8.72 2.31
N HIS A 112 -11.96 -9.79 1.50
CA HIS A 112 -11.80 -11.17 1.98
C HIS A 112 -10.72 -11.89 1.23
N VAL A 113 -9.83 -12.56 1.98
CA VAL A 113 -8.79 -13.45 1.44
C VAL A 113 -8.95 -14.81 2.16
N GLY A 114 -9.11 -15.87 1.38
CA GLY A 114 -9.40 -17.19 1.87
C GLY A 114 -8.15 -18.05 2.02
N ASN A 115 -8.37 -19.35 2.09
CA ASN A 115 -7.29 -20.32 2.26
C ASN A 115 -6.40 -20.55 1.04
N PHE A 116 -5.12 -20.69 1.33
CA PHE A 116 -4.12 -21.03 0.34
C PHE A 116 -4.06 -19.88 -0.70
N VAL A 117 -4.13 -18.64 -0.19
CA VAL A 117 -3.98 -17.42 -0.97
C VAL A 117 -2.74 -16.65 -0.49
N GLU A 118 -1.97 -16.23 -1.48
CA GLU A 118 -0.77 -15.44 -1.25
C GLU A 118 -0.88 -14.08 -1.96
N MET A 119 -0.56 -13.02 -1.23
CA MET A 119 -0.56 -11.66 -1.77
C MET A 119 0.79 -11.00 -1.53
N LYS A 120 1.31 -10.34 -2.55
CA LYS A 120 2.56 -9.57 -2.42
C LYS A 120 2.46 -8.30 -3.25
N LYS A 121 2.72 -7.15 -2.66
CA LYS A 121 2.58 -5.86 -3.38
C LYS A 121 1.33 -5.83 -4.25
N ALA A 122 0.19 -6.01 -3.58
CA ALA A 122 -1.07 -6.15 -4.22
C ALA A 122 -2.14 -5.51 -3.34
N ARG A 123 -3.03 -4.75 -3.98
CA ARG A 123 -4.15 -4.10 -3.30
C ARG A 123 -5.46 -4.77 -3.73
N LEU A 124 -6.25 -5.16 -2.74
CA LEU A 124 -7.53 -5.81 -2.96
C LEU A 124 -8.61 -4.84 -2.48
N GLY A 125 -9.47 -4.43 -3.39
CA GLY A 125 -10.40 -3.32 -3.14
C GLY A 125 -11.56 -3.65 -2.22
N LYS A 126 -12.42 -2.66 -2.05
CA LYS A 126 -13.52 -2.74 -1.10
C LYS A 126 -14.50 -3.84 -1.46
N GLY A 127 -14.78 -4.71 -0.50
CA GLY A 127 -15.73 -5.78 -0.71
C GLY A 127 -15.24 -6.83 -1.72
N SER A 128 -13.96 -6.78 -2.07
CA SER A 128 -13.43 -7.74 -3.05
C SER A 128 -12.98 -9.02 -2.38
N LYS A 129 -12.97 -10.10 -3.16
CA LYS A 129 -12.75 -11.45 -2.61
C LYS A 129 -11.77 -12.26 -3.43
N ALA A 130 -10.82 -12.88 -2.74
CA ALA A 130 -9.91 -13.85 -3.28
C ALA A 130 -9.93 -15.04 -2.32
N GLY A 131 -10.86 -15.95 -2.56
CA GLY A 131 -11.19 -16.98 -1.61
C GLY A 131 -10.34 -18.21 -1.57
N HIS A 132 -9.57 -18.51 -2.63
CA HIS A 132 -8.93 -19.82 -2.67
C HIS A 132 -7.80 -19.99 -3.68
N LEU A 133 -6.69 -20.55 -3.22
CA LEU A 133 -5.70 -21.17 -4.13
C LEU A 133 -5.22 -20.18 -5.20
N THR A 134 -4.77 -19.03 -4.75
CA THR A 134 -4.53 -17.87 -5.62
C THR A 134 -3.26 -17.18 -5.25
N TYR A 135 -2.55 -16.68 -6.27
CA TYR A 135 -1.41 -15.80 -6.07
C TYR A 135 -1.66 -14.47 -6.78
N LEU A 136 -1.61 -13.40 -5.99
CA LEU A 136 -1.75 -12.04 -6.48
C LEU A 136 -0.47 -11.28 -6.13
N GLY A 137 0.32 -10.98 -7.14
CA GLY A 137 1.57 -10.25 -7.00
C GLY A 137 1.59 -9.03 -7.92
N ASP A 138 2.07 -7.91 -7.41
CA ASP A 138 2.20 -6.70 -8.24
C ASP A 138 0.89 -6.36 -8.97
N ALA A 139 -0.18 -6.17 -8.21
CA ALA A 139 -1.54 -6.09 -8.74
C ALA A 139 -2.35 -5.04 -8.05
N GLU A 140 -3.19 -4.40 -8.83
CA GLU A 140 -4.21 -3.53 -8.32
C GLU A 140 -5.53 -4.17 -8.66
N ILE A 141 -6.34 -4.44 -7.64
CA ILE A 141 -7.64 -5.04 -7.84
C ILE A 141 -8.69 -4.11 -7.25
N GLY A 142 -9.65 -3.73 -8.08
CA GLY A 142 -10.64 -2.75 -7.70
C GLY A 142 -11.68 -3.25 -6.70
N ASP A 143 -12.76 -2.48 -6.58
CA ASP A 143 -13.84 -2.76 -5.64
C ASP A 143 -14.87 -3.74 -6.21
N ASN A 144 -15.50 -4.54 -5.34
CA ASN A 144 -16.54 -5.49 -5.73
C ASN A 144 -16.03 -6.46 -6.81
N VAL A 145 -14.77 -6.89 -6.71
CA VAL A 145 -14.19 -7.84 -7.65
C VAL A 145 -14.23 -9.26 -7.09
N ASN A 146 -14.60 -10.25 -7.90
CA ASN A 146 -14.50 -11.64 -7.48
C ASN A 146 -13.30 -12.29 -8.15
N ILE A 147 -12.30 -12.65 -7.34
CA ILE A 147 -11.12 -13.35 -7.84
C ILE A 147 -11.33 -14.86 -7.63
N GLY A 148 -11.63 -15.57 -8.70
CA GLY A 148 -11.99 -16.96 -8.59
C GLY A 148 -10.86 -17.83 -8.10
N ALA A 149 -11.23 -18.99 -7.55
CA ALA A 149 -10.24 -19.94 -7.07
C ALA A 149 -9.24 -20.24 -8.17
N GLY A 150 -7.95 -20.35 -7.81
CA GLY A 150 -6.93 -20.77 -8.79
C GLY A 150 -6.39 -19.66 -9.69
N THR A 151 -6.83 -18.43 -9.47
CA THR A 151 -6.34 -17.29 -10.24
C THR A 151 -4.88 -16.99 -9.88
N ILE A 152 -4.08 -16.72 -10.90
CA ILE A 152 -2.68 -16.38 -10.70
C ILE A 152 -2.28 -15.18 -11.54
N THR A 153 -1.59 -14.23 -10.91
CA THR A 153 -0.88 -13.18 -11.66
C THR A 153 0.48 -13.68 -12.12
N CYS A 154 0.69 -13.68 -13.43
CA CYS A 154 1.98 -14.03 -13.99
C CYS A 154 2.74 -12.72 -14.05
N ASN A 155 3.46 -12.43 -12.97
CA ASN A 155 4.05 -11.10 -12.81
C ASN A 155 5.53 -11.02 -13.17
N TYR A 156 6.19 -12.19 -13.25
CA TYR A 156 7.65 -12.28 -13.34
C TYR A 156 7.97 -13.04 -14.59
N ASP A 157 8.77 -12.45 -15.46
CA ASP A 157 9.12 -13.07 -16.75
C ASP A 157 10.52 -13.68 -16.75
N GLY A 158 11.10 -13.88 -15.56
CA GLY A 158 12.48 -14.33 -15.44
C GLY A 158 13.48 -13.18 -15.40
N ALA A 159 13.03 -11.96 -15.65
CA ALA A 159 13.92 -10.81 -15.69
C ALA A 159 13.36 -9.67 -14.87
N ASN A 160 12.09 -9.35 -15.07
CA ASN A 160 11.46 -8.20 -14.46
C ASN A 160 10.10 -8.60 -13.96
N LYS A 161 9.48 -7.70 -13.21
CA LYS A 161 8.13 -7.87 -12.73
C LYS A 161 7.23 -6.79 -13.30
N PHE A 162 5.99 -7.16 -13.58
CA PHE A 162 5.03 -6.32 -14.28
C PHE A 162 3.70 -6.32 -13.55
N LYS A 163 2.93 -5.27 -13.80
CA LYS A 163 1.76 -4.94 -13.01
C LYS A 163 0.48 -5.33 -13.70
N THR A 164 -0.39 -5.94 -12.92
CA THR A 164 -1.75 -6.27 -13.33
C THR A 164 -2.71 -5.28 -12.70
N ILE A 165 -3.65 -4.77 -13.49
CA ILE A 165 -4.68 -3.87 -13.00
C ILE A 165 -6.04 -4.43 -13.37
N ILE A 166 -6.88 -4.62 -12.35
CA ILE A 166 -8.23 -5.12 -12.56
C ILE A 166 -9.23 -4.08 -12.04
N GLY A 167 -10.16 -3.67 -12.89
CA GLY A 167 -11.10 -2.61 -12.55
C GLY A 167 -12.17 -3.04 -11.58
N ASP A 168 -13.04 -2.10 -11.21
CA ASP A 168 -14.17 -2.45 -10.32
C ASP A 168 -15.11 -3.40 -11.01
N ASP A 169 -15.84 -4.18 -10.21
CA ASP A 169 -16.98 -4.96 -10.69
C ASP A 169 -16.62 -6.04 -11.71
N VAL A 170 -15.39 -6.53 -11.61
CA VAL A 170 -14.88 -7.58 -12.48
C VAL A 170 -15.10 -8.93 -11.83
N PHE A 171 -15.51 -9.89 -12.64
CA PHE A 171 -15.58 -11.30 -12.25
C PHE A 171 -14.42 -12.04 -12.92
N VAL A 172 -13.51 -12.58 -12.12
CA VAL A 172 -12.40 -13.39 -12.67
C VAL A 172 -12.71 -14.86 -12.43
N GLY A 173 -12.98 -15.57 -13.53
CA GLY A 173 -13.36 -16.98 -13.42
C GLY A 173 -12.19 -17.80 -12.88
N SER A 174 -12.52 -18.98 -12.35
CA SER A 174 -11.51 -19.86 -11.76
C SER A 174 -10.36 -20.22 -12.71
N ASP A 175 -9.17 -20.34 -12.14
CA ASP A 175 -8.01 -20.83 -12.86
C ASP A 175 -7.61 -19.91 -14.01
N THR A 176 -7.88 -18.63 -13.86
CA THR A 176 -7.42 -17.65 -14.82
C THR A 176 -5.94 -17.33 -14.56
N GLN A 177 -5.15 -17.24 -15.64
CA GLN A 177 -3.79 -16.67 -15.61
C GLN A 177 -3.84 -15.24 -16.18
N LEU A 178 -3.42 -14.28 -15.37
CA LEU A 178 -3.37 -12.86 -15.76
C LEU A 178 -1.94 -12.59 -16.14
N VAL A 179 -1.70 -12.47 -17.44
CA VAL A 179 -0.32 -12.35 -17.90
C VAL A 179 0.12 -10.88 -17.99
N ALA A 180 0.89 -10.48 -17.01
CA ALA A 180 1.23 -9.06 -16.83
C ALA A 180 2.29 -8.60 -17.82
N PRO A 181 2.26 -7.29 -18.16
CA PRO A 181 1.28 -6.29 -17.77
C PRO A 181 -0.04 -6.44 -18.52
N VAL A 182 -1.14 -6.27 -17.79
CA VAL A 182 -2.46 -6.36 -18.39
C VAL A 182 -3.45 -5.56 -17.57
N THR A 183 -4.47 -5.04 -18.26
CA THR A 183 -5.54 -4.26 -17.62
C THR A 183 -6.87 -4.83 -18.03
N VAL A 184 -7.70 -5.05 -17.03
CA VAL A 184 -9.06 -5.55 -17.20
C VAL A 184 -10.03 -4.45 -16.78
N GLY A 185 -10.85 -4.03 -17.72
CA GLY A 185 -11.72 -2.89 -17.52
C GLY A 185 -12.85 -3.18 -16.56
N LYS A 186 -13.37 -2.12 -15.97
CA LYS A 186 -14.52 -2.21 -15.07
C LYS A 186 -15.66 -3.02 -15.71
N GLY A 187 -16.31 -3.87 -14.91
CA GLY A 187 -17.47 -4.65 -15.34
C GLY A 187 -17.18 -5.87 -16.20
N ALA A 188 -15.91 -6.10 -16.53
CA ALA A 188 -15.51 -7.21 -17.38
C ALA A 188 -15.66 -8.56 -16.69
N THR A 189 -15.72 -9.60 -17.52
CA THR A 189 -15.83 -10.96 -17.05
C THR A 189 -14.73 -11.75 -17.72
N ILE A 190 -13.92 -12.45 -16.93
CA ILE A 190 -12.98 -13.42 -17.47
C ILE A 190 -13.50 -14.86 -17.27
N ALA A 191 -13.66 -15.59 -18.37
CA ALA A 191 -14.13 -16.96 -18.34
C ALA A 191 -13.18 -17.84 -17.55
N ALA A 192 -13.72 -18.81 -16.82
CA ALA A 192 -12.84 -19.78 -16.14
C ALA A 192 -11.82 -20.38 -17.09
N GLY A 193 -10.57 -20.48 -16.65
CA GLY A 193 -9.52 -21.14 -17.40
C GLY A 193 -8.87 -20.26 -18.44
N THR A 194 -9.19 -18.96 -18.47
CA THR A 194 -8.67 -18.08 -19.53
C THR A 194 -7.22 -17.72 -19.27
N THR A 195 -6.41 -17.71 -20.31
CA THR A 195 -5.08 -17.08 -20.25
C THR A 195 -5.18 -15.69 -20.85
N VAL A 196 -5.10 -14.67 -20.00
CA VAL A 196 -5.35 -13.31 -20.38
C VAL A 196 -4.04 -12.66 -20.76
N THR A 197 -3.81 -12.57 -22.06
CA THR A 197 -2.57 -11.99 -22.57
C THR A 197 -2.81 -10.59 -23.11
N ARG A 198 -4.07 -10.17 -23.24
CA ARG A 198 -4.38 -8.86 -23.82
C ARG A 198 -5.34 -8.09 -22.95
N ASN A 199 -5.26 -6.76 -22.97
CA ASN A 199 -6.19 -5.96 -22.19
C ASN A 199 -7.66 -6.29 -22.50
N VAL A 200 -8.51 -6.15 -21.48
CA VAL A 200 -9.92 -6.47 -21.60
C VAL A 200 -10.75 -5.20 -21.41
N GLY A 201 -11.66 -4.97 -22.35
CA GLY A 201 -12.49 -3.77 -22.31
C GLY A 201 -13.53 -3.76 -21.21
N GLU A 202 -14.00 -2.56 -20.86
CA GLU A 202 -15.09 -2.44 -19.91
C GLU A 202 -16.26 -3.24 -20.38
N ASN A 203 -16.92 -3.93 -19.46
CA ASN A 203 -18.14 -4.69 -19.74
C ASN A 203 -18.02 -5.79 -20.81
N ALA A 204 -16.79 -6.21 -21.09
CA ALA A 204 -16.52 -7.28 -22.04
C ALA A 204 -16.19 -8.62 -21.36
N LEU A 205 -16.53 -9.71 -22.05
CA LEU A 205 -16.06 -11.05 -21.71
C LEU A 205 -14.73 -11.30 -22.42
N ALA A 206 -13.76 -11.84 -21.68
CA ALA A 206 -12.53 -12.37 -22.25
C ALA A 206 -12.53 -13.89 -22.08
N ILE A 207 -12.13 -14.62 -23.14
CA ILE A 207 -12.22 -16.06 -23.17
C ILE A 207 -11.12 -16.64 -24.11
N SER A 208 -10.59 -17.81 -23.76
CA SER A 208 -9.61 -18.52 -24.59
C SER A 208 -9.77 -20.01 -24.38
N ARG A 209 -10.84 -20.56 -24.93
CA ARG A 209 -11.35 -21.85 -24.53
C ARG A 209 -11.52 -22.75 -25.74
N VAL A 210 -11.01 -23.97 -25.66
CA VAL A 210 -11.29 -25.01 -26.64
C VAL A 210 -12.66 -25.60 -26.30
N PRO A 211 -13.58 -25.71 -27.27
CA PRO A 211 -14.84 -26.39 -26.97
C PRO A 211 -14.59 -27.82 -26.48
N GLN A 212 -15.32 -28.23 -25.45
CA GLN A 212 -15.24 -29.59 -24.94
C GLN A 212 -15.71 -30.62 -25.99
N THR A 213 -15.00 -31.73 -26.07
CA THR A 213 -15.43 -32.88 -26.85
C THR A 213 -15.28 -34.16 -26.06
N GLN A 214 -15.84 -35.22 -26.60
CA GLN A 214 -15.96 -36.45 -25.91
C GLN A 214 -15.62 -37.61 -26.84
N LYS A 215 -14.93 -38.59 -26.30
CA LYS A 215 -14.64 -39.83 -26.99
C LYS A 215 -15.30 -40.95 -26.18
N GLU A 216 -16.11 -41.78 -26.83
CA GLU A 216 -16.88 -42.82 -26.14
C GLU A 216 -16.04 -44.05 -25.84
N GLY A 217 -16.37 -44.73 -24.74
CA GLY A 217 -15.77 -46.02 -24.41
C GLY A 217 -14.27 -45.95 -24.30
N TRP A 218 -13.79 -44.93 -23.59
CA TRP A 218 -12.38 -44.67 -23.48
C TRP A 218 -11.86 -45.35 -22.22
N ARG A 219 -10.86 -46.21 -22.38
CA ARG A 219 -10.41 -47.08 -21.31
C ARG A 219 -9.08 -46.58 -20.80
N ARG A 220 -8.98 -46.33 -19.49
CA ARG A 220 -7.73 -45.92 -18.87
C ARG A 220 -6.74 -47.10 -18.79
N PRO A 221 -5.43 -46.83 -18.71
CA PRO A 221 -4.43 -47.88 -18.56
C PRO A 221 -4.72 -48.78 -17.38
N ALA A 222 -4.50 -50.09 -17.57
CA ALA A 222 -4.87 -51.09 -16.56
C ALA A 222 -4.01 -51.03 -15.29
N ALA B 1 16.08 2.31 -34.94
CA ALA B 1 15.19 1.98 -33.79
C ALA B 1 14.58 3.24 -33.21
N SER B 2 15.41 4.25 -33.00
CA SER B 2 15.04 5.48 -32.33
C SER B 2 13.87 6.16 -33.02
N ARG B 3 14.04 6.42 -34.31
CA ARG B 3 13.04 7.12 -35.09
C ARG B 3 11.73 6.32 -35.16
N LEU B 4 11.83 5.00 -35.34
CA LEU B 4 10.64 4.14 -35.41
C LEU B 4 9.81 4.16 -34.12
N GLU B 5 10.48 4.00 -32.98
CA GLU B 5 9.83 4.08 -31.69
C GLU B 5 9.24 5.48 -31.42
N ARG B 6 9.91 6.51 -31.92
CA ARG B 6 9.41 7.89 -31.80
C ARG B 6 8.08 8.02 -32.55
N VAL B 7 8.00 7.43 -33.74
CA VAL B 7 6.76 7.39 -34.49
C VAL B 7 5.65 6.66 -33.73
N TYR B 8 5.99 5.54 -33.09
CA TYR B 8 5.03 4.85 -32.25
C TYR B 8 4.56 5.73 -31.08
N GLN B 9 5.41 6.63 -30.59
CA GLN B 9 5.00 7.58 -29.54
C GLN B 9 3.97 8.58 -30.08
N SER B 10 4.19 9.06 -31.30
CA SER B 10 3.26 9.94 -31.95
C SER B 10 1.90 9.26 -32.08
N GLU B 11 1.91 7.99 -32.43
CA GLU B 11 0.67 7.24 -32.62
C GLU B 11 -0.13 7.18 -31.35
N GLN B 12 0.57 6.85 -30.26
CA GLN B 12 -0.07 6.74 -28.96
C GLN B 12 -0.65 8.07 -28.52
N ALA B 13 0.13 9.14 -28.70
CA ALA B 13 -0.35 10.49 -28.39
C ALA B 13 -1.62 10.85 -29.16
N GLU B 14 -1.63 10.59 -30.45
CA GLU B 14 -2.81 10.85 -31.27
C GLU B 14 -4.04 10.10 -30.80
N LYS B 15 -3.86 8.84 -30.48
CA LYS B 15 -4.94 8.02 -29.98
C LYS B 15 -5.46 8.51 -28.63
N LEU B 16 -4.59 9.02 -27.77
CA LEU B 16 -5.04 9.58 -26.49
C LEU B 16 -5.89 10.81 -26.70
N LEU B 17 -5.44 11.70 -27.60
CA LEU B 17 -6.22 12.86 -28.00
C LEU B 17 -7.60 12.44 -28.47
N LEU B 18 -7.65 11.50 -29.41
CA LEU B 18 -8.93 10.96 -29.91
C LEU B 18 -9.79 10.34 -28.79
N ALA B 19 -9.17 9.74 -27.78
CA ALA B 19 -9.91 9.19 -26.64
C ALA B 19 -10.25 10.24 -25.59
N GLY B 20 -9.95 11.51 -25.84
CA GLY B 20 -10.40 12.59 -24.99
C GLY B 20 -9.45 13.05 -23.90
N VAL B 21 -8.20 12.59 -23.94
CA VAL B 21 -7.19 13.15 -23.03
C VAL B 21 -6.70 14.49 -23.58
N MET B 22 -6.55 15.50 -22.72
CA MET B 22 -5.93 16.77 -23.13
C MET B 22 -4.43 16.62 -22.96
N LEU B 23 -3.74 16.55 -24.09
CA LEU B 23 -2.28 16.59 -24.11
C LEU B 23 -1.86 17.95 -24.56
N ARG B 24 -1.16 18.66 -23.70
CA ARG B 24 -0.66 19.97 -24.01
C ARG B 24 0.22 20.03 -25.26
N ASP B 25 1.10 19.05 -25.42
CA ASP B 25 1.94 18.96 -26.61
C ASP B 25 2.12 17.48 -26.92
N PRO B 26 1.38 16.97 -27.91
CA PRO B 26 1.55 15.56 -28.28
C PRO B 26 2.97 15.16 -28.72
N ALA B 27 3.77 16.13 -29.16
CA ALA B 27 5.15 15.88 -29.55
C ALA B 27 6.08 15.78 -28.32
N ARG B 28 5.59 16.20 -27.17
CA ARG B 28 6.33 16.10 -25.93
C ARG B 28 5.54 15.28 -24.94
N PHE B 29 5.30 14.03 -25.32
CA PHE B 29 4.64 13.06 -24.46
C PHE B 29 5.19 11.66 -24.76
N ASP B 30 5.40 10.86 -23.72
CA ASP B 30 5.92 9.52 -23.89
C ASP B 30 5.12 8.53 -23.07
N LEU B 31 4.72 7.44 -23.71
CA LEU B 31 4.03 6.34 -23.03
C LEU B 31 4.80 5.07 -23.34
N ARG B 32 5.35 4.46 -22.30
CA ARG B 32 6.16 3.24 -22.43
C ARG B 32 5.47 2.14 -21.62
N GLY B 33 4.36 1.66 -22.15
CA GLY B 33 3.55 0.68 -21.47
C GLY B 33 2.10 1.00 -21.82
N THR B 34 1.23 1.00 -20.81
CA THR B 34 -0.20 1.16 -21.06
C THR B 34 -0.77 2.17 -20.09
N LEU B 35 -1.68 2.99 -20.61
CA LEU B 35 -2.33 4.01 -19.82
C LEU B 35 -3.83 3.86 -19.96
N THR B 36 -4.50 3.66 -18.84
CA THR B 36 -5.97 3.73 -18.73
C THR B 36 -6.33 5.05 -18.08
N HIS B 37 -7.41 5.68 -18.52
CA HIS B 37 -7.76 7.02 -18.03
C HIS B 37 -9.27 7.21 -17.96
N GLY B 38 -9.72 8.04 -17.04
CA GLY B 38 -11.10 8.53 -17.08
C GLY B 38 -11.23 9.72 -18.02
N ARG B 39 -12.25 10.53 -17.77
CA ARG B 39 -12.59 11.68 -18.58
C ARG B 39 -11.90 12.94 -18.06
N ASP B 40 -11.72 13.91 -18.94
CA ASP B 40 -11.24 15.26 -18.56
C ASP B 40 -9.86 15.24 -17.94
N VAL B 41 -9.04 14.26 -18.33
CA VAL B 41 -7.65 14.18 -17.86
C VAL B 41 -6.81 15.19 -18.67
N GLU B 42 -5.91 15.90 -18.00
CA GLU B 42 -5.06 16.91 -18.61
C GLU B 42 -3.62 16.59 -18.31
N ILE B 43 -2.79 16.46 -19.35
CA ILE B 43 -1.38 16.14 -19.18
C ILE B 43 -0.56 17.22 -19.85
N ASP B 44 0.32 17.83 -19.07
CA ASP B 44 1.14 18.92 -19.59
C ASP B 44 2.38 18.35 -20.33
N THR B 45 3.29 19.23 -20.72
CA THR B 45 4.47 18.87 -21.54
C THR B 45 5.47 17.96 -20.80
N ASN B 46 6.19 17.15 -21.56
CA ASN B 46 7.33 16.38 -21.09
C ASN B 46 7.00 15.36 -20.01
N VAL B 47 5.75 14.87 -20.03
CA VAL B 47 5.33 13.77 -19.15
C VAL B 47 5.70 12.42 -19.76
N ILE B 48 6.17 11.52 -18.90
CA ILE B 48 6.52 10.17 -19.31
C ILE B 48 5.73 9.22 -18.42
N ILE B 49 5.00 8.33 -19.07
CA ILE B 49 4.19 7.32 -18.41
C ILE B 49 4.84 5.98 -18.70
N GLU B 50 5.19 5.22 -17.66
CA GLU B 50 5.93 3.97 -17.81
C GLU B 50 5.16 2.84 -17.16
N GLY B 51 5.34 1.63 -17.70
CA GLY B 51 4.67 0.48 -17.16
C GLY B 51 3.19 0.57 -17.33
N ASN B 52 2.44 0.06 -16.35
CA ASN B 52 0.98 0.02 -16.45
C ASN B 52 0.38 1.03 -15.49
N VAL B 53 -0.23 2.09 -16.02
CA VAL B 53 -0.71 3.20 -15.21
C VAL B 53 -2.21 3.39 -15.43
N THR B 54 -2.92 3.72 -14.37
CA THR B 54 -4.34 4.04 -14.50
C THR B 54 -4.65 5.36 -13.76
N LEU B 55 -5.37 6.24 -14.44
CA LEU B 55 -5.74 7.56 -13.93
C LEU B 55 -7.26 7.65 -13.89
N GLY B 56 -7.79 8.23 -12.81
CA GLY B 56 -9.23 8.46 -12.73
C GLY B 56 -9.67 9.65 -13.53
N HIS B 57 -10.86 10.17 -13.21
CA HIS B 57 -11.41 11.32 -13.90
C HIS B 57 -10.76 12.62 -13.40
N ARG B 58 -10.61 13.59 -14.30
CA ARG B 58 -10.18 14.94 -13.93
C ARG B 58 -8.77 15.01 -13.28
N VAL B 59 -7.97 14.00 -13.53
CA VAL B 59 -6.58 14.03 -13.08
C VAL B 59 -5.79 15.06 -13.89
N LYS B 60 -5.01 15.91 -13.19
CA LYS B 60 -4.16 16.89 -13.86
C LYS B 60 -2.69 16.59 -13.57
N ILE B 61 -1.89 16.45 -14.63
CA ILE B 61 -0.46 16.13 -14.49
C ILE B 61 0.38 17.22 -15.10
N GLY B 62 1.14 17.90 -14.23
CA GLY B 62 1.92 19.03 -14.63
C GLY B 62 3.18 18.65 -15.39
N THR B 63 3.92 19.66 -15.83
CA THR B 63 5.05 19.44 -16.74
C THR B 63 6.15 18.59 -16.10
N GLY B 64 6.70 17.70 -16.91
CA GLY B 64 7.91 17.00 -16.54
C GLY B 64 7.73 15.82 -15.62
N CYS B 65 6.49 15.42 -15.32
CA CYS B 65 6.28 14.30 -14.42
C CYS B 65 6.59 12.96 -15.05
N VAL B 66 7.04 12.03 -14.21
CA VAL B 66 7.32 10.65 -14.59
C VAL B 66 6.46 9.77 -13.69
N ILE B 67 5.55 8.98 -14.29
CA ILE B 67 4.58 8.17 -13.49
C ILE B 67 4.72 6.73 -13.99
N LYS B 68 5.14 5.84 -13.10
CA LYS B 68 5.42 4.47 -13.46
C LYS B 68 4.61 3.52 -12.59
N ASN B 69 3.87 2.61 -13.22
CA ASN B 69 3.17 1.55 -12.47
C ASN B 69 2.35 2.01 -11.28
N SER B 70 1.57 3.06 -11.49
CA SER B 70 0.86 3.72 -10.42
C SER B 70 -0.60 3.84 -10.74
N VAL B 71 -1.37 4.01 -9.66
CA VAL B 71 -2.81 4.17 -9.70
C VAL B 71 -3.14 5.54 -9.12
N ILE B 72 -3.79 6.38 -9.90
CA ILE B 72 -4.05 7.77 -9.48
C ILE B 72 -5.56 8.04 -9.52
N GLY B 73 -6.13 8.34 -8.36
CA GLY B 73 -7.58 8.46 -8.22
C GLY B 73 -8.12 9.74 -8.82
N ASP B 74 -9.44 9.84 -8.86
CA ASP B 74 -10.12 10.98 -9.43
C ASP B 74 -9.65 12.27 -8.78
N ASP B 75 -9.58 13.34 -9.58
CA ASP B 75 -9.32 14.70 -9.11
C ASP B 75 -7.94 14.96 -8.52
N CYS B 76 -7.02 14.03 -8.70
CA CYS B 76 -5.67 14.24 -8.21
C CYS B 76 -4.95 15.26 -9.04
N GLU B 77 -4.10 16.04 -8.39
CA GLU B 77 -3.30 17.06 -9.06
C GLU B 77 -1.83 16.80 -8.77
N ILE B 78 -1.08 16.48 -9.80
CA ILE B 78 0.33 16.14 -9.67
C ILE B 78 1.10 17.34 -10.28
N SER B 79 1.77 18.09 -9.44
CA SER B 79 2.42 19.35 -9.83
C SER B 79 3.76 19.04 -10.53
N PRO B 80 4.37 20.04 -11.19
CA PRO B 80 5.57 19.76 -12.01
C PRO B 80 6.73 19.04 -11.37
N TYR B 81 7.48 18.32 -12.20
CA TYR B 81 8.73 17.64 -11.82
C TYR B 81 8.54 16.77 -10.59
N THR B 82 7.52 15.92 -10.65
CA THR B 82 7.22 14.93 -9.66
C THR B 82 7.42 13.53 -10.28
N VAL B 83 8.09 12.66 -9.54
CA VAL B 83 8.43 11.30 -9.95
C VAL B 83 7.64 10.34 -9.05
N VAL B 84 6.87 9.45 -9.67
CA VAL B 84 5.95 8.57 -8.98
C VAL B 84 6.17 7.12 -9.50
N GLU B 85 6.53 6.19 -8.61
CA GLU B 85 6.78 4.80 -9.00
C GLU B 85 6.09 3.81 -8.06
N ASP B 86 5.29 2.91 -8.64
CA ASP B 86 4.56 1.92 -7.87
C ASP B 86 3.84 2.49 -6.64
N ALA B 87 3.11 3.59 -6.88
CA ALA B 87 2.38 4.26 -5.84
C ALA B 87 0.88 4.24 -6.11
N ASN B 88 0.10 4.47 -5.07
CA ASN B 88 -1.36 4.59 -5.20
C ASN B 88 -1.80 5.90 -4.54
N LEU B 89 -2.50 6.74 -5.28
CA LEU B 89 -3.12 7.95 -4.74
C LEU B 89 -4.62 7.78 -4.79
N ALA B 90 -5.28 7.97 -3.65
CA ALA B 90 -6.72 8.03 -3.56
C ALA B 90 -7.21 9.34 -4.21
N ALA B 91 -8.51 9.55 -4.21
CA ALA B 91 -9.08 10.73 -4.81
C ALA B 91 -8.55 12.00 -4.16
N ALA B 92 -8.47 13.05 -4.96
CA ALA B 92 -8.25 14.41 -4.48
C ALA B 92 -6.93 14.65 -3.75
N CYS B 93 -5.92 13.82 -4.00
CA CYS B 93 -4.58 14.09 -3.51
C CYS B 93 -3.89 15.15 -4.31
N THR B 94 -3.02 15.91 -3.66
CA THR B 94 -2.14 16.87 -4.34
C THR B 94 -0.69 16.59 -3.98
N ILE B 95 0.15 16.37 -4.99
CA ILE B 95 1.56 16.10 -4.76
C ILE B 95 2.44 16.99 -5.64
N GLY B 96 3.58 17.38 -5.09
CA GLY B 96 4.60 18.12 -5.80
C GLY B 96 4.39 19.60 -5.60
N PRO B 97 5.17 20.42 -6.32
CA PRO B 97 6.19 19.98 -7.27
C PRO B 97 7.42 19.41 -6.57
N PHE B 98 8.27 18.74 -7.34
CA PHE B 98 9.51 18.14 -6.79
C PHE B 98 9.23 17.14 -5.68
N ALA B 99 8.16 16.36 -5.81
CA ALA B 99 7.93 15.21 -4.92
C ALA B 99 8.45 13.94 -5.57
N ARG B 100 8.82 12.97 -4.74
CA ARG B 100 9.40 11.72 -5.20
C ARG B 100 8.72 10.60 -4.40
N LEU B 101 7.80 9.92 -5.07
CA LEU B 101 7.10 8.80 -4.46
C LEU B 101 7.70 7.51 -5.02
N ARG B 102 8.24 6.71 -4.10
CA ARG B 102 8.84 5.41 -4.45
C ARG B 102 7.88 4.26 -4.18
N PRO B 103 8.25 3.05 -4.62
CA PRO B 103 7.33 1.97 -4.42
C PRO B 103 6.80 1.79 -3.00
N GLY B 104 5.50 1.52 -2.91
CA GLY B 104 4.82 1.35 -1.63
C GLY B 104 4.27 2.64 -1.08
N ALA B 105 4.46 3.75 -1.76
CA ALA B 105 3.83 4.99 -1.33
C ALA B 105 2.31 4.85 -1.55
N GLU B 106 1.56 5.07 -0.50
CA GLU B 106 0.11 4.94 -0.52
C GLU B 106 -0.46 6.21 0.13
N LEU B 107 -1.22 6.99 -0.63
CA LEU B 107 -1.83 8.22 -0.15
C LEU B 107 -3.34 8.06 -0.12
N LEU B 108 -3.93 8.37 1.04
CA LEU B 108 -5.38 8.26 1.19
C LEU B 108 -6.03 9.58 0.81
N GLU B 109 -7.36 9.60 0.85
CA GLU B 109 -8.13 10.66 0.23
C GLU B 109 -7.71 12.02 0.76
N GLY B 110 -7.41 12.91 -0.18
CA GLY B 110 -7.12 14.31 0.15
C GLY B 110 -5.74 14.56 0.74
N ALA B 111 -4.87 13.57 0.76
CA ALA B 111 -3.52 13.71 1.29
C ALA B 111 -2.71 14.69 0.43
N HIS B 112 -1.75 15.38 1.06
CA HIS B 112 -0.87 16.34 0.38
C HIS B 112 0.59 16.03 0.64
N VAL B 113 1.39 15.98 -0.41
CA VAL B 113 2.84 15.85 -0.35
C VAL B 113 3.43 17.06 -1.11
N GLY B 114 4.31 17.82 -0.45
CA GLY B 114 4.83 19.06 -1.00
C GLY B 114 6.19 18.86 -1.60
N ASN B 115 6.94 19.95 -1.73
CA ASN B 115 8.23 19.92 -2.38
C ASN B 115 9.36 19.32 -1.57
N PHE B 116 10.23 18.59 -2.28
CA PHE B 116 11.44 18.01 -1.72
C PHE B 116 11.04 17.02 -0.62
N VAL B 117 10.00 16.25 -0.93
CA VAL B 117 9.49 15.17 -0.09
C VAL B 117 9.64 13.83 -0.82
N GLU B 118 10.18 12.88 -0.07
CA GLU B 118 10.38 11.51 -0.54
C GLU B 118 9.56 10.54 0.34
N MET B 119 8.84 9.64 -0.31
CA MET B 119 8.08 8.59 0.40
C MET B 119 8.46 7.22 -0.17
N LYS B 120 8.70 6.25 0.70
CA LYS B 120 8.99 4.87 0.28
C LYS B 120 8.31 3.91 1.27
N LYS B 121 7.50 2.99 0.80
CA LYS B 121 6.80 2.03 1.67
C LYS B 121 6.18 2.79 2.86
N ALA B 122 5.36 3.78 2.54
CA ALA B 122 4.79 4.66 3.52
C ALA B 122 3.37 5.04 3.12
N ARG B 123 2.47 5.05 4.10
CA ARG B 123 1.09 5.38 3.88
C ARG B 123 0.77 6.67 4.61
N LEU B 124 0.20 7.62 3.89
CA LEU B 124 -0.13 8.93 4.42
C LEU B 124 -1.66 9.04 4.40
N GLY B 125 -2.24 9.24 5.56
CA GLY B 125 -3.68 9.10 5.72
C GLY B 125 -4.52 10.24 5.18
N LYS B 126 -5.82 10.13 5.43
CA LYS B 126 -6.81 11.04 4.87
C LYS B 126 -6.58 12.45 5.37
N GLY B 127 -6.49 13.39 4.44
CA GLY B 127 -6.28 14.79 4.79
C GLY B 127 -4.94 15.08 5.47
N SER B 128 -4.01 14.13 5.45
CA SER B 128 -2.71 14.34 6.10
C SER B 128 -1.73 15.02 5.15
N LYS B 129 -0.72 15.70 5.71
CA LYS B 129 0.13 16.59 4.92
C LYS B 129 1.59 16.45 5.28
N ALA B 130 2.43 16.36 4.25
CA ALA B 130 3.87 16.34 4.39
C ALA B 130 4.37 17.33 3.34
N GLY B 131 4.48 18.59 3.75
CA GLY B 131 4.62 19.68 2.82
C GLY B 131 6.02 19.99 2.37
N HIS B 132 7.05 19.58 3.11
CA HIS B 132 8.39 20.09 2.80
C HIS B 132 9.56 19.29 3.36
N LEU B 133 10.55 19.02 2.51
CA LEU B 133 11.89 18.65 2.98
C LEU B 133 11.86 17.47 3.98
N THR B 134 11.23 16.39 3.57
CA THR B 134 10.86 15.28 4.46
C THR B 134 11.13 13.95 3.78
N TYR B 135 11.59 12.98 4.58
CA TYR B 135 11.69 11.62 4.15
C TYR B 135 10.83 10.75 5.05
N LEU B 136 9.89 10.03 4.45
CA LEU B 136 9.04 9.10 5.14
C LEU B 136 9.25 7.72 4.52
N GLY B 137 9.89 6.83 5.27
CA GLY B 137 10.18 5.48 4.82
C GLY B 137 9.67 4.46 5.84
N ASP B 138 9.05 3.40 5.37
CA ASP B 138 8.59 2.31 6.26
C ASP B 138 7.72 2.86 7.38
N ALA B 139 6.64 3.53 7.00
CA ALA B 139 5.86 4.33 7.92
C ALA B 139 4.39 4.22 7.63
N GLU B 140 3.64 4.20 8.71
CA GLU B 140 2.20 4.33 8.70
C GLU B 140 1.85 5.67 9.34
N ILE B 141 1.19 6.54 8.59
CA ILE B 141 0.79 7.82 9.13
C ILE B 141 -0.72 7.93 9.02
N GLY B 142 -1.36 8.22 10.14
CA GLY B 142 -2.80 8.27 10.22
C GLY B 142 -3.45 9.45 9.53
N ASP B 143 -4.72 9.66 9.84
CA ASP B 143 -5.54 10.69 9.23
C ASP B 143 -5.39 12.02 9.97
N ASN B 144 -5.56 13.13 9.24
CA ASN B 144 -5.49 14.48 9.80
C ASN B 144 -4.17 14.69 10.56
N VAL B 145 -3.07 14.17 10.03
CA VAL B 145 -1.74 14.33 10.62
C VAL B 145 -0.97 15.47 9.90
N ASN B 146 -0.30 16.32 10.67
CA ASN B 146 0.60 17.29 10.07
C ASN B 146 2.07 16.85 10.25
N ILE B 147 2.74 16.57 9.14
CA ILE B 147 4.15 16.20 9.15
C ILE B 147 4.96 17.47 8.83
N GLY B 148 5.58 18.04 9.86
CA GLY B 148 6.27 19.30 9.73
C GLY B 148 7.42 19.23 8.77
N ALA B 149 7.79 20.39 8.21
CA ALA B 149 8.95 20.48 7.33
C ALA B 149 10.17 19.87 8.00
N GLY B 150 10.97 19.11 7.26
CA GLY B 150 12.23 18.61 7.79
C GLY B 150 12.13 17.32 8.62
N THR B 151 10.92 16.77 8.71
CA THR B 151 10.71 15.51 9.40
C THR B 151 11.38 14.35 8.64
N ILE B 152 12.03 13.48 9.40
CA ILE B 152 12.66 12.31 8.82
C ILE B 152 12.38 11.08 9.66
N THR B 153 11.98 10.00 8.99
CA THR B 153 11.97 8.66 9.62
C THR B 153 13.35 8.03 9.56
N CYS B 154 13.91 7.70 10.73
CA CYS B 154 15.20 7.03 10.79
C CYS B 154 14.88 5.55 10.79
N ASN B 155 14.80 4.99 9.59
CA ASN B 155 14.24 3.63 9.43
C ASN B 155 15.27 2.54 9.29
N TYR B 156 16.51 2.92 9.02
CA TYR B 156 17.57 2.01 8.62
C TYR B 156 18.70 2.15 9.61
N ASP B 157 19.09 1.05 10.24
CA ASP B 157 20.15 1.11 11.26
C ASP B 157 21.50 0.61 10.76
N GLY B 158 21.63 0.45 9.44
CA GLY B 158 22.83 -0.15 8.85
C GLY B 158 22.69 -1.63 8.61
N ALA B 159 21.69 -2.26 9.20
CA ALA B 159 21.47 -3.70 9.07
C ALA B 159 20.05 -4.01 8.61
N ASN B 160 19.06 -3.37 9.21
CA ASN B 160 17.66 -3.70 8.98
C ASN B 160 16.86 -2.43 8.91
N LYS B 161 15.62 -2.55 8.44
CA LYS B 161 14.70 -1.42 8.39
C LYS B 161 13.59 -1.68 9.40
N PHE B 162 13.12 -0.61 10.04
CA PHE B 162 12.11 -0.68 11.10
C PHE B 162 10.97 0.30 10.85
N LYS B 163 9.82 0.02 11.47
CA LYS B 163 8.57 0.68 11.12
C LYS B 163 8.19 1.78 12.10
N THR B 164 7.77 2.91 11.54
CA THR B 164 7.24 4.03 12.29
C THR B 164 5.72 4.07 12.14
N ILE B 165 5.01 4.21 13.25
CA ILE B 165 3.55 4.32 13.26
C ILE B 165 3.15 5.61 13.93
N ILE B 166 2.39 6.44 13.21
CA ILE B 166 1.89 7.70 13.74
C ILE B 166 0.36 7.64 13.70
N GLY B 167 -0.27 7.87 14.84
CA GLY B 167 -1.74 7.80 14.91
C GLY B 167 -2.42 9.00 14.29
N ASP B 168 -3.75 9.00 14.30
CA ASP B 168 -4.51 10.14 13.78
C ASP B 168 -4.31 11.38 14.63
N ASP B 169 -4.55 12.54 14.02
CA ASP B 169 -4.63 13.82 14.75
C ASP B 169 -3.31 14.19 15.43
N VAL B 170 -2.20 13.74 14.88
CA VAL B 170 -0.87 14.03 15.42
C VAL B 170 -0.31 15.25 14.72
N PHE B 171 0.33 16.11 15.50
CA PHE B 171 1.13 17.20 14.96
C PHE B 171 2.61 16.86 15.14
N VAL B 172 3.35 16.73 14.04
CA VAL B 172 4.80 16.50 14.10
C VAL B 172 5.53 17.80 13.80
N GLY B 173 6.18 18.35 14.82
CA GLY B 173 6.85 19.63 14.66
C GLY B 173 8.02 19.52 13.69
N SER B 174 8.43 20.65 13.14
CA SER B 174 9.49 20.67 12.13
C SER B 174 10.80 20.06 12.61
N ASP B 175 11.49 19.42 11.69
CA ASP B 175 12.82 18.88 11.94
C ASP B 175 12.81 17.78 13.01
N THR B 176 11.71 17.06 13.10
CA THR B 176 11.68 15.94 14.01
C THR B 176 12.39 14.73 13.36
N GLN B 177 13.16 13.99 14.17
CA GLN B 177 13.66 12.66 13.79
C GLN B 177 12.84 11.57 14.52
N LEU B 178 12.22 10.70 13.75
CA LEU B 178 11.41 9.60 14.29
C LEU B 178 12.30 8.39 14.24
N VAL B 179 12.80 7.95 15.39
CA VAL B 179 13.77 6.88 15.39
C VAL B 179 13.07 5.52 15.53
N ALA B 180 13.02 4.79 14.42
CA ALA B 180 12.22 3.58 14.34
C ALA B 180 12.91 2.41 15.01
N PRO B 181 12.10 1.45 15.51
CA PRO B 181 10.65 1.46 15.55
C PRO B 181 10.11 2.36 16.64
N VAL B 182 9.05 3.08 16.32
CA VAL B 182 8.42 3.96 17.29
C VAL B 182 6.95 4.15 16.94
N THR B 183 6.14 4.37 17.96
CA THR B 183 4.72 4.61 17.77
C THR B 183 4.32 5.87 18.49
N VAL B 184 3.61 6.73 17.77
CA VAL B 184 3.10 7.99 18.30
C VAL B 184 1.57 7.93 18.36
N GLY B 185 1.02 8.09 19.55
CA GLY B 185 -0.40 7.85 19.75
C GLY B 185 -1.25 8.95 19.16
N LYS B 186 -2.51 8.62 18.90
CA LYS B 186 -3.49 9.58 18.42
C LYS B 186 -3.50 10.84 19.27
N GLY B 187 -3.60 12.00 18.60
CA GLY B 187 -3.71 13.28 19.29
C GLY B 187 -2.39 13.85 19.83
N ALA B 188 -1.30 13.11 19.71
CA ALA B 188 -0.02 13.52 20.26
C ALA B 188 0.56 14.72 19.52
N THR B 189 1.47 15.41 20.20
CA THR B 189 2.21 16.50 19.62
C THR B 189 3.71 16.22 19.81
N ILE B 190 4.46 16.31 18.71
CA ILE B 190 5.92 16.30 18.78
C ILE B 190 6.48 17.71 18.56
N ALA B 191 7.19 18.21 19.58
CA ALA B 191 7.83 19.52 19.51
C ALA B 191 8.82 19.60 18.36
N ALA B 192 8.92 20.77 17.73
CA ALA B 192 9.92 20.96 16.69
C ALA B 192 11.30 20.58 17.21
N GLY B 193 12.06 19.86 16.39
CA GLY B 193 13.44 19.53 16.67
C GLY B 193 13.61 18.33 17.57
N THR B 194 12.52 17.62 17.86
CA THR B 194 12.57 16.50 18.79
C THR B 194 13.23 15.29 18.13
N THR B 195 14.07 14.59 18.87
CA THR B 195 14.54 13.26 18.47
C THR B 195 13.71 12.25 19.22
N VAL B 196 12.81 11.56 18.51
CA VAL B 196 11.84 10.67 19.14
C VAL B 196 12.39 9.25 19.20
N THR B 197 12.85 8.84 20.37
CA THR B 197 13.45 7.52 20.56
C THR B 197 12.52 6.56 21.32
N ARG B 198 11.42 7.08 21.88
CA ARG B 198 10.51 6.29 22.70
C ARG B 198 9.07 6.52 22.26
N ASN B 199 8.21 5.54 22.46
CA ASN B 199 6.83 5.71 22.09
C ASN B 199 6.19 6.89 22.79
N VAL B 200 5.23 7.53 22.13
CA VAL B 200 4.53 8.70 22.64
C VAL B 200 3.06 8.35 22.88
N GLY B 201 2.57 8.67 24.06
CA GLY B 201 1.18 8.38 24.40
C GLY B 201 0.15 9.23 23.67
N GLU B 202 -1.08 8.74 23.62
CA GLU B 202 -2.19 9.51 23.09
C GLU B 202 -2.27 10.81 23.84
N ASN B 203 -2.53 11.88 23.09
CA ASN B 203 -2.74 13.22 23.63
C ASN B 203 -1.57 13.80 24.42
N ALA B 204 -0.39 13.23 24.25
CA ALA B 204 0.81 13.69 24.94
C ALA B 204 1.73 14.53 24.04
N LEU B 205 2.47 15.41 24.68
CA LEU B 205 3.60 16.11 24.05
C LEU B 205 4.89 15.31 24.29
N ALA B 206 5.66 15.11 23.22
CA ALA B 206 7.03 14.63 23.30
C ALA B 206 8.00 15.78 22.97
N ILE B 207 9.08 15.89 23.74
CA ILE B 207 10.02 16.99 23.61
C ILE B 207 11.41 16.54 24.06
N SER B 208 12.45 17.10 23.45
CA SER B 208 13.84 16.81 23.81
C SER B 208 14.69 18.00 23.42
N ARG B 209 14.53 19.07 24.20
CA ARG B 209 14.97 20.39 23.83
C ARG B 209 15.80 21.02 24.94
N VAL B 210 16.93 21.61 24.56
CA VAL B 210 17.75 22.40 25.46
C VAL B 210 17.15 23.80 25.49
N PRO B 211 16.92 24.38 26.68
CA PRO B 211 16.49 25.78 26.72
C PRO B 211 17.49 26.68 25.98
N GLN B 212 16.97 27.56 25.14
CA GLN B 212 17.77 28.57 24.47
C GLN B 212 18.46 29.52 25.43
N THR B 213 19.73 29.81 25.16
CA THR B 213 20.46 30.81 25.90
C THR B 213 21.17 31.73 24.94
N GLN B 214 21.66 32.82 25.49
CA GLN B 214 22.20 33.90 24.72
C GLN B 214 23.48 34.38 25.36
N LYS B 215 24.47 34.66 24.51
CA LYS B 215 25.69 35.32 24.91
C LYS B 215 25.74 36.66 24.21
N GLU B 216 25.92 37.73 24.98
CA GLU B 216 25.94 39.08 24.43
C GLU B 216 27.27 39.43 23.79
N GLY B 217 27.24 40.33 22.81
CA GLY B 217 28.46 40.84 22.18
C GLY B 217 29.30 39.77 21.51
N TRP B 218 28.66 38.81 20.87
CA TRP B 218 29.37 37.68 20.31
C TRP B 218 29.82 38.01 18.87
N ARG B 219 31.12 37.89 18.63
CA ARG B 219 31.75 38.35 17.39
C ARG B 219 32.11 37.15 16.51
N ARG B 220 31.63 37.13 15.27
CA ARG B 220 31.97 36.05 14.34
C ARG B 220 33.38 36.23 13.79
N PRO B 221 34.01 35.13 13.30
CA PRO B 221 35.35 35.28 12.68
C PRO B 221 35.38 36.30 11.56
N ALA B 222 36.48 37.06 11.47
CA ALA B 222 36.59 38.23 10.59
C ALA B 222 36.53 37.88 9.10
#